data_5RPD
#
_entry.id   5RPD
#
_cell.length_a   68.021
_cell.length_b   68.021
_cell.length_c   102.230
_cell.angle_alpha   90.000
_cell.angle_beta   90.000
_cell.angle_gamma   90.000
#
_symmetry.space_group_name_H-M   'P 43 21 2'
#
loop_
_entity.id
_entity.type
_entity.pdbx_description
1 polymer 'Proteinase K'
2 non-polymer 'SULFATE ION'
3 non-polymer L-CANAVANINE
4 water water
#
_entity_poly.entity_id   1
_entity_poly.type   'polypeptide(L)'
_entity_poly.pdbx_seq_one_letter_code
;AAQTNAPWGLARISSTSPGTSTYYYDESAGQGSCVYVIDTGIEASHPEFEGRAQMVKTYYYSSRDGNGHGTHCAGTVGSR
TYGVAKKTQLFGVKVLDDNGSGQYSTIIAGMDFVASDKNNRNCPKGVVASLSLGGGYSSSVNSAAARLQSSGVMVAVAAG
NNNADARNYSPASEPSVCTVGASDRYDRRSSFSNYGSVLDIFGPGTDILSTWIGGSTRSISGTSMATPHVAGLAAYLMTL
GKTTAASACRYIADTANKGDLSNIPFGTVNLLAYNNYQA
;
_entity_poly.pdbx_strand_id   A
#
loop_
_chem_comp.id
_chem_comp.type
_chem_comp.name
_chem_comp.formula
SO4 non-polymer 'SULFATE ION' 'O4 S -2'
#
# COMPACT_ATOMS: atom_id res chain seq x y z
N ALA A 1 2.95 13.74 16.54
CA ALA A 1 3.81 14.49 15.61
C ALA A 1 2.96 15.12 14.52
N ALA A 2 3.44 16.24 13.99
CA ALA A 2 2.77 16.98 12.92
C ALA A 2 3.77 17.28 11.81
N GLN A 3 3.42 16.89 10.58
CA GLN A 3 4.18 17.21 9.39
C GLN A 3 3.39 18.27 8.63
N THR A 4 3.88 19.50 8.62
CA THR A 4 3.21 20.54 7.87
C THR A 4 3.49 20.40 6.38
N ASN A 5 2.60 20.97 5.58
CA ASN A 5 2.70 20.95 4.12
C ASN A 5 2.93 19.53 3.62
N ALA A 6 2.15 18.61 4.13
CA ALA A 6 2.25 17.22 3.72
C ALA A 6 1.49 16.98 2.42
N PRO A 7 1.81 15.92 1.69
CA PRO A 7 0.96 15.53 0.56
C PRO A 7 -0.47 15.34 1.05
N TRP A 8 -1.42 15.68 0.18
CA TRP A 8 -2.83 15.68 0.61
C TRP A 8 -3.26 14.33 1.17
N GLY A 9 -2.74 13.23 0.60
CA GLY A 9 -3.17 11.92 1.04
C GLY A 9 -2.75 11.59 2.46
N LEU A 10 -1.55 12.02 2.85
CA LEU A 10 -1.13 11.84 4.24
C LEU A 10 -2.02 12.66 5.16
N ALA A 11 -2.27 13.93 4.83
CA ALA A 11 -3.17 14.73 5.64
C ALA A 11 -4.55 14.08 5.71
N ARG A 12 -5.01 13.51 4.60
CA ARG A 12 -6.34 12.92 4.59
C ARG A 12 -6.44 11.75 5.56
N ILE A 13 -5.41 10.89 5.61
CA ILE A 13 -5.53 9.70 6.43
C ILE A 13 -5.48 10.01 7.92
N SER A 14 -5.09 11.21 8.32
CA SER A 14 -5.16 11.59 9.73
C SER A 14 -6.24 12.63 10.01
N SER A 15 -7.22 12.75 9.14
CA SER A 15 -8.23 13.79 9.28
C SER A 15 -9.64 13.25 9.17
N THR A 16 -10.55 13.87 9.94
CA THR A 16 -11.97 13.62 9.76
C THR A 16 -12.57 14.43 8.62
N SER A 17 -11.79 15.28 7.95
CA SER A 17 -12.29 16.13 6.87
C SER A 17 -11.27 16.25 5.76
N PRO A 18 -11.72 16.37 4.51
CA PRO A 18 -10.81 16.74 3.42
C PRO A 18 -10.42 18.20 3.56
N GLY A 19 -9.43 18.59 2.76
CA GLY A 19 -9.08 19.99 2.64
C GLY A 19 -8.08 20.52 3.65
N THR A 20 -7.33 19.65 4.32
CA THR A 20 -6.26 20.07 5.20
C THR A 20 -4.93 19.56 4.67
N SER A 21 -3.83 20.07 5.21
CA SER A 21 -2.52 19.80 4.63
C SER A 21 -1.46 19.42 5.66
N THR A 22 -1.83 19.12 6.90
CA THR A 22 -0.89 18.67 7.91
C THR A 22 -1.20 17.22 8.25
N TYR A 23 -0.17 16.38 8.29
CA TYR A 23 -0.29 14.97 8.65
C TYR A 23 0.07 14.81 10.12
N TYR A 24 -0.83 14.19 10.90
CA TYR A 24 -0.64 13.97 12.33
C TYR A 24 -0.51 12.47 12.59
N TYR A 25 0.48 12.08 13.37
CA TYR A 25 0.70 10.66 13.59
C TYR A 25 1.53 10.47 14.86
N ASP A 26 1.37 9.31 15.48
CA ASP A 26 2.19 8.95 16.62
C ASP A 26 3.65 8.78 16.21
N GLU A 27 4.56 9.34 17.02
CA GLU A 27 5.97 9.36 16.68
C GLU A 27 6.60 7.97 16.55
N SER A 28 5.96 6.93 17.07
CA SER A 28 6.49 5.58 16.87
C SER A 28 6.65 5.28 15.38
N ALA A 29 5.73 5.77 14.55
CA ALA A 29 5.94 5.86 13.10
C ALA A 29 6.25 4.53 12.42
N GLY A 30 5.71 3.42 12.92
CA GLY A 30 5.99 2.14 12.31
C GLY A 30 7.34 1.54 12.65
N GLN A 31 8.08 2.13 13.60
CA GLN A 31 9.35 1.53 14.01
C GLN A 31 9.15 0.10 14.46
N GLY A 32 10.02 -0.80 14.01
CA GLY A 32 9.93 -2.20 14.41
C GLY A 32 9.05 -3.04 13.52
N SER A 33 8.36 -2.42 12.56
CA SER A 33 7.59 -3.13 11.56
C SER A 33 8.39 -3.21 10.27
N CYS A 34 7.88 -4.02 9.34
CA CYS A 34 8.49 -4.15 8.02
C CYS A 34 7.40 -4.18 6.97
N VAL A 35 7.66 -3.54 5.83
CA VAL A 35 6.74 -3.57 4.70
C VAL A 35 7.50 -4.03 3.46
N TYR A 36 7.02 -5.09 2.84
CA TYR A 36 7.52 -5.55 1.55
C TYR A 36 6.76 -4.84 0.45
N VAL A 37 7.48 -4.29 -0.52
CA VAL A 37 6.89 -3.64 -1.68
C VAL A 37 7.22 -4.53 -2.87
N ILE A 38 6.20 -5.22 -3.37
CA ILE A 38 6.35 -6.25 -4.40
C ILE A 38 5.97 -5.57 -5.72
N ASP A 39 6.97 -5.23 -6.54
CA ASP A 39 6.72 -4.25 -7.59
C ASP A 39 7.91 -4.22 -8.56
N THR A 40 8.26 -3.05 -9.10
CA THR A 40 9.36 -2.90 -10.03
C THR A 40 10.71 -2.70 -9.35
N GLY A 41 10.75 -2.77 -8.02
CA GLY A 41 11.95 -2.48 -7.27
C GLY A 41 11.79 -1.20 -6.46
N ILE A 42 12.88 -0.84 -5.77
CA ILE A 42 12.96 0.38 -4.98
C ILE A 42 14.34 0.97 -5.16
N GLU A 43 14.41 2.27 -5.45
CA GLU A 43 15.69 2.99 -5.45
C GLU A 43 16.05 3.27 -4.00
N ALA A 44 16.69 2.30 -3.36
CA ALA A 44 16.96 2.40 -1.93
C ALA A 44 17.91 3.53 -1.58
N SER A 45 18.73 3.97 -2.53
CA SER A 45 19.65 5.07 -2.29
C SER A 45 18.98 6.43 -2.21
N HIS A 46 17.69 6.52 -2.52
CA HIS A 46 17.02 7.81 -2.47
C HIS A 46 17.12 8.39 -1.06
N PRO A 47 17.56 9.63 -0.90
CA PRO A 47 17.70 10.22 0.43
C PRO A 47 16.43 10.10 1.26
N GLU A 48 15.27 10.09 0.60
CA GLU A 48 14.00 10.02 1.32
C GLU A 48 13.83 8.72 2.11
N PHE A 49 14.59 7.66 1.80
CA PHE A 49 14.45 6.40 2.52
C PHE A 49 15.40 6.28 3.71
N GLU A 50 16.41 7.13 3.80
CA GLU A 50 17.22 7.27 5.02
C GLU A 50 17.90 5.97 5.42
N GLY A 51 18.24 5.12 4.46
CA GLY A 51 18.86 3.84 4.79
C GLY A 51 17.92 2.76 5.26
N ARG A 52 16.60 3.03 5.31
CA ARG A 52 15.62 2.07 5.78
C ARG A 52 15.07 1.18 4.67
N ALA A 53 15.46 1.39 3.42
CA ALA A 53 15.00 0.58 2.32
C ALA A 53 16.13 -0.30 1.80
N GLN A 54 15.77 -1.49 1.34
CA GLN A 54 16.74 -2.36 0.71
C GLN A 54 16.01 -3.30 -0.24
N MET A 55 16.69 -3.66 -1.33
CA MET A 55 16.19 -4.73 -2.18
C MET A 55 16.60 -6.08 -1.60
N VAL A 56 15.65 -7.01 -1.54
CA VAL A 56 15.92 -8.35 -1.04
C VAL A 56 15.78 -9.45 -2.10
N LYS A 57 15.15 -9.16 -3.24
CA LYS A 57 14.92 -10.21 -4.23
C LYS A 57 14.58 -9.56 -5.56
N THR A 58 15.13 -10.13 -6.63
CA THR A 58 14.71 -9.80 -7.98
C THR A 58 14.66 -11.07 -8.82
N TYR A 59 13.79 -11.05 -9.82
CA TYR A 59 13.69 -12.13 -10.79
C TYR A 59 14.26 -11.72 -12.14
N TYR A 60 14.94 -10.57 -12.21
CA TYR A 60 15.44 -9.97 -13.43
C TYR A 60 16.93 -9.67 -13.28
N TYR A 61 17.53 -9.14 -14.35
CA TYR A 61 18.97 -8.94 -14.38
C TYR A 61 19.47 -7.92 -13.37
N SER A 62 18.58 -7.09 -12.83
CA SER A 62 18.97 -6.14 -11.81
C SER A 62 17.87 -6.09 -10.77
N SER A 63 18.24 -5.71 -9.56
CA SER A 63 17.26 -5.38 -8.54
C SER A 63 16.89 -3.91 -8.55
N ARG A 64 17.54 -3.11 -9.38
CA ARG A 64 17.23 -1.69 -9.44
C ARG A 64 15.86 -1.44 -10.06
N ASP A 65 15.22 -0.37 -9.60
CA ASP A 65 13.97 0.09 -10.18
C ASP A 65 14.29 0.94 -11.39
N GLY A 66 14.15 0.38 -12.59
CA GLY A 66 14.33 1.14 -13.80
C GLY A 66 13.05 1.78 -14.31
N ASN A 67 11.97 1.72 -13.53
CA ASN A 67 10.68 2.25 -13.92
C ASN A 67 10.29 3.48 -13.12
N GLY A 68 10.28 3.35 -11.78
CA GLY A 68 9.83 4.40 -10.88
C GLY A 68 8.62 4.00 -10.06
N HIS A 69 7.77 3.14 -10.62
CA HIS A 69 6.52 2.79 -9.95
C HIS A 69 6.75 2.22 -8.55
N GLY A 70 7.67 1.25 -8.42
CA GLY A 70 7.91 0.65 -7.12
C GLY A 70 8.52 1.63 -6.13
N THR A 71 9.38 2.53 -6.62
CA THR A 71 9.95 3.56 -5.77
C THR A 71 8.88 4.52 -5.27
N HIS A 72 7.91 4.86 -6.14
CA HIS A 72 6.84 5.76 -5.73
C HIS A 72 5.98 5.10 -4.65
N CYS A 73 5.62 3.84 -4.87
CA CYS A 73 4.79 3.12 -3.91
C CYS A 73 5.54 2.99 -2.57
N ALA A 74 6.82 2.63 -2.63
CA ALA A 74 7.61 2.51 -1.40
C ALA A 74 7.67 3.85 -0.67
N GLY A 75 7.78 4.94 -1.42
CA GLY A 75 7.79 6.26 -0.80
C GLY A 75 6.51 6.58 -0.04
N THR A 76 5.37 6.15 -0.57
CA THR A 76 4.11 6.37 0.12
C THR A 76 4.00 5.50 1.37
N VAL A 77 4.56 4.30 1.35
CA VAL A 77 4.60 3.50 2.57
C VAL A 77 5.43 4.19 3.64
N GLY A 78 6.65 4.58 3.30
CA GLY A 78 7.64 4.83 4.34
C GLY A 78 8.73 5.85 4.11
N SER A 79 8.64 6.71 3.10
CA SER A 79 9.63 7.77 2.98
C SER A 79 9.43 8.84 4.05
N ARG A 80 10.51 9.58 4.34
CA ARG A 80 10.47 10.58 5.40
C ARG A 80 9.43 11.68 5.12
N THR A 81 9.33 12.14 3.87
CA THR A 81 8.38 13.21 3.55
C THR A 81 7.06 12.68 3.03
N TYR A 82 7.10 11.64 2.19
CA TYR A 82 5.92 11.21 1.46
C TYR A 82 5.25 9.99 2.05
N GLY A 83 5.78 9.45 3.16
CA GLY A 83 5.34 8.19 3.69
C GLY A 83 4.42 8.25 4.90
N VAL A 84 3.58 7.22 5.00
CA VAL A 84 2.67 7.05 6.14
C VAL A 84 3.42 6.61 7.39
N ALA A 85 4.31 5.62 7.24
CA ALA A 85 5.00 4.95 8.35
C ALA A 85 6.48 5.28 8.21
N LYS A 86 6.87 6.41 8.77
CA LYS A 86 8.14 7.04 8.43
C LYS A 86 9.34 6.36 9.06
N LYS A 87 9.15 5.37 9.92
CA LYS A 87 10.26 4.64 10.52
C LYS A 87 10.19 3.15 10.24
N THR A 88 9.32 2.70 9.34
CA THR A 88 9.28 1.29 8.99
C THR A 88 10.51 0.89 8.18
N GLN A 89 10.79 -0.41 8.17
CA GLN A 89 11.81 -0.96 7.27
C GLN A 89 11.12 -1.41 5.98
N LEU A 90 11.72 -1.07 4.84
CA LEU A 90 11.14 -1.36 3.53
C LEU A 90 11.98 -2.40 2.83
N PHE A 91 11.34 -3.44 2.29
CA PHE A 91 12.02 -4.52 1.58
C PHE A 91 11.43 -4.62 0.19
N GLY A 92 12.28 -4.48 -0.83
CA GLY A 92 11.83 -4.53 -2.20
C GLY A 92 11.95 -5.93 -2.80
N VAL A 93 10.91 -6.35 -3.50
CA VAL A 93 10.87 -7.61 -4.22
C VAL A 93 10.48 -7.27 -5.65
N LYS A 94 11.41 -7.44 -6.60
CA LYS A 94 11.19 -7.00 -7.97
C LYS A 94 10.60 -8.16 -8.78
N VAL A 95 9.27 -8.16 -8.89
CA VAL A 95 8.53 -9.11 -9.72
C VAL A 95 8.10 -8.52 -11.04
N LEU A 96 8.24 -7.21 -11.24
CA LEU A 96 7.86 -6.54 -12.47
C LEU A 96 9.12 -6.00 -13.14
N ASP A 97 9.17 -6.11 -14.46
CA ASP A 97 10.28 -5.57 -15.22
C ASP A 97 10.23 -4.04 -15.26
N ASP A 98 11.21 -3.46 -15.93
CA ASP A 98 11.31 -2.00 -15.97
C ASP A 98 10.26 -1.33 -16.83
N ASN A 99 9.47 -2.09 -17.59
CA ASN A 99 8.29 -1.55 -18.23
C ASN A 99 7.04 -1.73 -17.37
N GLY A 100 7.17 -2.27 -16.16
CA GLY A 100 6.03 -2.48 -15.29
C GLY A 100 5.26 -3.76 -15.53
N SER A 101 5.80 -4.69 -16.31
CA SER A 101 5.11 -5.92 -16.67
C SER A 101 5.73 -7.12 -15.96
N GLY A 102 4.92 -8.13 -15.70
CA GLY A 102 5.44 -9.34 -15.10
C GLY A 102 4.49 -10.51 -15.28
N GLN A 103 5.07 -11.70 -15.38
CA GLN A 103 4.28 -12.91 -15.52
C GLN A 103 3.68 -13.32 -14.18
N TYR A 104 2.46 -13.85 -14.23
CA TYR A 104 1.80 -14.27 -13.00
C TYR A 104 2.64 -15.28 -12.23
N SER A 105 3.34 -16.17 -12.93
CA SER A 105 4.15 -17.16 -12.23
C SER A 105 5.26 -16.51 -11.41
N THR A 106 5.85 -15.44 -11.93
CA THR A 106 6.86 -14.71 -11.17
C THR A 106 6.25 -13.97 -9.97
N ILE A 107 5.09 -13.38 -10.19
CA ILE A 107 4.39 -12.69 -9.10
C ILE A 107 4.05 -13.66 -7.98
N ILE A 108 3.57 -14.85 -8.33
CA ILE A 108 3.28 -15.89 -7.34
C ILE A 108 4.54 -16.27 -6.59
N ALA A 109 5.65 -16.49 -7.32
CA ALA A 109 6.91 -16.82 -6.65
C ALA A 109 7.30 -15.71 -5.68
N GLY A 110 7.10 -14.45 -6.05
CA GLY A 110 7.45 -13.35 -5.17
C GLY A 110 6.63 -13.33 -3.90
N MET A 111 5.35 -13.66 -3.99
CA MET A 111 4.51 -13.71 -2.80
C MET A 111 4.96 -14.85 -1.88
N ASP A 112 5.21 -16.03 -2.44
CA ASP A 112 5.71 -17.12 -1.60
C ASP A 112 7.09 -16.80 -1.03
N PHE A 113 7.89 -16.05 -1.78
CA PHE A 113 9.17 -15.60 -1.25
C PHE A 113 8.98 -14.78 0.03
N VAL A 114 8.06 -13.80 0.00
CA VAL A 114 7.86 -12.96 1.18
C VAL A 114 7.37 -13.78 2.36
N ALA A 115 6.48 -14.74 2.12
CA ALA A 115 5.97 -15.55 3.23
C ALA A 115 7.10 -16.26 3.96
N SER A 116 8.14 -16.68 3.24
CA SER A 116 9.28 -17.30 3.88
C SER A 116 10.30 -16.28 4.37
N ASP A 117 10.58 -15.27 3.52
CA ASP A 117 11.66 -14.34 3.79
C ASP A 117 11.44 -13.54 5.06
N LYS A 118 10.20 -13.33 5.46
CA LYS A 118 9.99 -12.58 6.70
C LYS A 118 10.66 -13.25 7.88
N ASN A 119 10.87 -14.57 7.81
CA ASN A 119 11.57 -15.30 8.87
C ASN A 119 13.06 -15.01 8.89
N ASN A 120 13.57 -14.29 7.89
CA ASN A 120 14.95 -13.84 7.83
C ASN A 120 15.11 -12.38 8.19
N ARG A 121 14.04 -11.73 8.64
CA ARG A 121 14.05 -10.31 8.92
C ARG A 121 13.60 -10.05 10.36
N ASN A 122 14.01 -8.90 10.89
CA ASN A 122 13.62 -8.49 12.23
C ASN A 122 12.48 -7.49 12.14
N CYS A 123 11.29 -7.98 12.48
CA CYS A 123 10.04 -7.22 12.35
C CYS A 123 9.20 -7.51 13.58
N PRO A 124 9.69 -7.14 14.77
CA PRO A 124 8.97 -7.52 16.00
C PRO A 124 7.56 -6.98 16.08
N LYS A 125 7.27 -5.87 15.42
CA LYS A 125 5.92 -5.31 15.46
C LYS A 125 5.02 -5.83 14.35
N GLY A 126 5.55 -6.57 13.39
CA GLY A 126 4.74 -7.18 12.37
C GLY A 126 5.19 -6.86 10.96
N VAL A 127 4.57 -7.57 10.02
CA VAL A 127 4.97 -7.59 8.62
C VAL A 127 3.77 -7.29 7.74
N VAL A 128 3.99 -6.45 6.73
CA VAL A 128 2.99 -6.04 5.76
C VAL A 128 3.58 -6.27 4.37
N ALA A 129 2.71 -6.55 3.39
CA ALA A 129 3.11 -6.61 2.00
C ALA A 129 2.16 -5.74 1.19
N SER A 130 2.73 -4.91 0.31
CA SER A 130 1.98 -4.00 -0.54
C SER A 130 2.13 -4.45 -1.98
N LEU A 131 1.00 -4.75 -2.63
CA LEU A 131 0.95 -5.27 -4.00
C LEU A 131 0.15 -4.32 -4.88
N SER A 132 0.85 -3.36 -5.47
CA SER A 132 0.25 -2.39 -6.39
C SER A 132 0.34 -2.94 -7.82
N LEU A 133 -0.33 -4.06 -8.04
CA LEU A 133 -0.26 -4.75 -9.32
C LEU A 133 -1.46 -5.66 -9.43
N GLY A 134 -1.70 -6.16 -10.63
CA GLY A 134 -2.74 -7.15 -10.83
C GLY A 134 -3.02 -7.34 -12.30
N GLY A 135 -3.91 -8.29 -12.56
CA GLY A 135 -4.36 -8.56 -13.90
C GLY A 135 -5.69 -9.29 -13.84
N GLY A 136 -6.00 -10.04 -14.89
CA GLY A 136 -7.26 -10.75 -14.93
C GLY A 136 -7.36 -11.83 -13.88
N TYR A 137 -8.59 -12.28 -13.61
CA TYR A 137 -8.83 -13.26 -12.55
C TYR A 137 -7.97 -14.50 -12.74
N SER A 138 -7.33 -14.91 -11.65
CA SER A 138 -6.52 -16.13 -11.62
C SER A 138 -6.66 -16.74 -10.23
N SER A 139 -7.19 -17.96 -10.16
CA SER A 139 -7.29 -18.61 -8.86
C SER A 139 -5.91 -18.85 -8.26
N SER A 140 -4.90 -19.13 -9.08
CA SER A 140 -3.56 -19.37 -8.54
C SER A 140 -2.97 -18.11 -7.95
N VAL A 141 -3.18 -16.95 -8.59
CA VAL A 141 -2.70 -15.70 -8.03
C VAL A 141 -3.42 -15.39 -6.72
N ASN A 142 -4.74 -15.58 -6.69
CA ASN A 142 -5.50 -15.34 -5.46
C ASN A 142 -5.01 -16.26 -4.35
N SER A 143 -4.76 -17.53 -4.67
CA SER A 143 -4.30 -18.46 -3.65
C SER A 143 -2.94 -18.07 -3.09
N ALA A 144 -2.06 -17.54 -3.94
CA ALA A 144 -0.76 -17.09 -3.45
C ALA A 144 -0.92 -15.93 -2.48
N ALA A 145 -1.80 -14.99 -2.80
CA ALA A 145 -2.05 -13.88 -1.89
C ALA A 145 -2.66 -14.39 -0.58
N ALA A 146 -3.57 -15.36 -0.67
CA ALA A 146 -4.15 -15.95 0.54
C ALA A 146 -3.11 -16.65 1.38
N ARG A 147 -2.15 -17.36 0.76
CA ARG A 147 -1.08 -17.99 1.53
C ARG A 147 -0.24 -16.95 2.25
N LEU A 148 0.11 -15.87 1.53
CA LEU A 148 0.93 -14.84 2.14
C LEU A 148 0.25 -14.26 3.36
N GLN A 149 -1.05 -13.97 3.24
CA GLN A 149 -1.82 -13.47 4.37
C GLN A 149 -1.85 -14.48 5.51
N SER A 150 -2.16 -15.74 5.18
CA SER A 150 -2.23 -16.81 6.18
C SER A 150 -0.91 -16.96 6.94
N SER A 151 0.21 -16.73 6.28
CA SER A 151 1.52 -16.88 6.91
C SER A 151 1.80 -15.82 7.96
N GLY A 152 0.96 -14.80 8.09
CA GLY A 152 1.16 -13.77 9.10
C GLY A 152 1.63 -12.44 8.55
N VAL A 153 1.27 -12.14 7.31
CA VAL A 153 1.61 -10.88 6.65
C VAL A 153 0.31 -10.16 6.33
N MET A 154 0.23 -8.88 6.68
CA MET A 154 -0.92 -8.07 6.28
C MET A 154 -0.77 -7.76 4.80
N VAL A 155 -1.63 -8.34 3.96
CA VAL A 155 -1.52 -8.16 2.52
C VAL A 155 -2.51 -7.09 2.07
N ALA A 156 -2.00 -6.03 1.44
CA ALA A 156 -2.81 -4.98 0.83
C ALA A 156 -2.59 -5.02 -0.67
N VAL A 157 -3.67 -5.06 -1.44
CA VAL A 157 -3.60 -5.18 -2.89
C VAL A 157 -4.44 -4.09 -3.54
N ALA A 158 -4.00 -3.65 -4.71
CA ALA A 158 -4.74 -2.64 -5.47
C ALA A 158 -6.00 -3.24 -6.09
N ALA A 159 -7.09 -2.45 -6.07
CA ALA A 159 -8.33 -2.93 -6.66
C ALA A 159 -8.28 -3.00 -8.18
N GLY A 160 -7.45 -2.18 -8.80
CA GLY A 160 -7.39 -2.06 -10.24
C GLY A 160 -8.01 -0.77 -10.73
N ASN A 161 -7.74 -0.46 -12.00
CA ASN A 161 -7.93 0.88 -12.57
C ASN A 161 -8.81 0.88 -13.81
N ASN A 162 -9.81 -0.01 -13.84
CA ASN A 162 -10.65 -0.19 -15.01
C ASN A 162 -12.04 0.42 -14.83
N ASN A 163 -12.29 1.12 -13.72
CA ASN A 163 -13.64 1.58 -13.40
C ASN A 163 -14.65 0.43 -13.56
N ALA A 164 -14.31 -0.71 -12.98
CA ALA A 164 -15.05 -1.94 -13.17
C ALA A 164 -15.11 -2.70 -11.85
N ASP A 165 -15.90 -3.77 -11.83
CA ASP A 165 -15.98 -4.58 -10.62
C ASP A 165 -14.70 -5.38 -10.46
N ALA A 166 -14.06 -5.23 -9.29
CA ALA A 166 -12.78 -5.86 -9.01
C ALA A 166 -12.87 -7.38 -8.89
N ARG A 167 -14.08 -7.95 -8.89
CA ARG A 167 -14.20 -9.41 -8.83
C ARG A 167 -13.50 -10.10 -9.99
N ASN A 168 -13.26 -9.39 -11.09
CA ASN A 168 -12.67 -9.97 -12.29
C ASN A 168 -11.17 -9.76 -12.39
N TYR A 169 -10.52 -9.37 -11.29
CA TYR A 169 -9.10 -9.09 -11.28
C TYR A 169 -8.44 -9.79 -10.10
N SER A 170 -7.14 -10.09 -10.24
CA SER A 170 -6.38 -10.77 -9.22
C SER A 170 -5.05 -10.06 -9.01
N PRO A 171 -4.55 -10.00 -7.76
CA PRO A 171 -5.14 -10.57 -6.55
C PRO A 171 -6.29 -9.76 -5.91
N ALA A 172 -6.76 -8.70 -6.59
CA ALA A 172 -7.82 -7.86 -6.05
C ALA A 172 -9.02 -8.67 -5.54
N SER A 173 -9.39 -9.73 -6.24
CA SER A 173 -10.61 -10.45 -5.91
C SER A 173 -10.43 -11.48 -4.81
N GLU A 174 -9.24 -11.65 -4.25
CA GLU A 174 -9.05 -12.62 -3.17
C GLU A 174 -9.72 -12.12 -1.90
N PRO A 175 -10.67 -12.87 -1.32
CA PRO A 175 -11.41 -12.33 -0.17
C PRO A 175 -10.56 -12.08 1.05
N SER A 176 -9.51 -12.88 1.29
CA SER A 176 -8.83 -12.83 2.57
C SER A 176 -7.77 -11.73 2.67
N VAL A 177 -7.49 -11.00 1.59
CA VAL A 177 -6.53 -9.90 1.64
C VAL A 177 -7.29 -8.58 1.62
N CYS A 178 -6.57 -7.47 1.79
CA CYS A 178 -7.19 -6.16 1.90
C CYS A 178 -7.14 -5.47 0.55
N THR A 179 -8.30 -5.36 -0.10
CA THR A 179 -8.38 -4.80 -1.45
C THR A 179 -8.72 -3.33 -1.38
N VAL A 180 -7.89 -2.49 -2.02
CA VAL A 180 -7.87 -1.05 -1.80
C VAL A 180 -8.30 -0.31 -3.06
N GLY A 181 -9.40 0.46 -2.96
CA GLY A 181 -9.78 1.40 -4.00
C GLY A 181 -9.17 2.77 -3.77
N ALA A 182 -9.36 3.66 -4.76
CA ALA A 182 -8.74 4.98 -4.75
C ALA A 182 -9.76 6.09 -4.68
N SER A 183 -9.41 7.15 -3.93
CA SER A 183 -10.17 8.38 -3.82
C SER A 183 -9.31 9.59 -4.17
N ASP A 184 -9.97 10.72 -4.40
CA ASP A 184 -9.31 11.98 -4.70
C ASP A 184 -9.42 12.97 -3.53
N ARG A 185 -8.78 14.13 -3.71
CA ARG A 185 -8.65 15.08 -2.61
C ARG A 185 -9.97 15.73 -2.21
N TYR A 186 -11.01 15.59 -3.03
CA TYR A 186 -12.34 16.07 -2.71
C TYR A 186 -13.26 14.98 -2.23
N ASP A 187 -12.69 13.83 -1.82
CA ASP A 187 -13.45 12.70 -1.31
C ASP A 187 -14.40 12.12 -2.34
N ARG A 188 -13.99 12.13 -3.60
CA ARG A 188 -14.70 11.43 -4.66
C ARG A 188 -13.96 10.14 -4.97
N ARG A 189 -14.70 9.08 -5.28
CA ARG A 189 -14.05 7.92 -5.85
C ARG A 189 -13.24 8.33 -7.07
N SER A 190 -11.98 7.89 -7.14
CA SER A 190 -11.17 8.21 -8.30
C SER A 190 -11.83 7.67 -9.56
N SER A 191 -11.70 8.41 -10.65
CA SER A 191 -12.46 8.11 -11.87
C SER A 191 -12.17 6.71 -12.40
N PHE A 192 -10.94 6.24 -12.23
CA PHE A 192 -10.48 4.95 -12.72
C PHE A 192 -10.67 3.82 -11.70
N SER A 193 -11.02 4.11 -10.46
CA SER A 193 -10.96 3.09 -9.42
C SER A 193 -11.95 1.98 -9.68
N ASN A 194 -11.49 0.74 -9.62
CA ASN A 194 -12.43 -0.37 -9.53
C ASN A 194 -13.24 -0.28 -8.24
N TYR A 195 -14.31 -1.07 -8.20
CA TYR A 195 -15.27 -1.06 -7.11
C TYR A 195 -15.78 -2.48 -6.93
N GLY A 196 -16.80 -2.63 -6.09
CA GLY A 196 -17.46 -3.92 -5.92
C GLY A 196 -17.36 -4.42 -4.48
N SER A 197 -18.06 -5.53 -4.26
CA SER A 197 -18.13 -6.13 -2.93
C SER A 197 -16.77 -6.57 -2.41
N VAL A 198 -15.82 -6.88 -3.29
CA VAL A 198 -14.53 -7.37 -2.83
C VAL A 198 -13.65 -6.27 -2.24
N LEU A 199 -13.96 -4.99 -2.48
CA LEU A 199 -13.18 -3.93 -1.87
C LEU A 199 -13.40 -3.90 -0.37
N ASP A 200 -12.33 -3.63 0.35
CA ASP A 200 -12.38 -3.49 1.81
C ASP A 200 -12.27 -2.05 2.28
N ILE A 201 -11.66 -1.18 1.49
CA ILE A 201 -11.26 0.14 1.99
C ILE A 201 -10.86 0.97 0.79
N PHE A 202 -10.96 2.29 0.94
CA PHE A 202 -10.40 3.25 -0.01
C PHE A 202 -9.25 4.00 0.65
N GLY A 203 -8.29 4.40 -0.17
CA GLY A 203 -7.24 5.30 0.24
C GLY A 203 -6.96 6.32 -0.84
N PRO A 204 -6.19 7.35 -0.50
CA PRO A 204 -5.85 8.39 -1.47
C PRO A 204 -5.12 7.83 -2.68
N GLY A 205 -5.65 8.11 -3.88
CA GLY A 205 -5.06 7.56 -5.08
C GLY A 205 -4.95 8.48 -6.28
N THR A 206 -5.54 9.67 -6.24
CA THR A 206 -5.44 10.62 -7.35
C THR A 206 -4.46 11.73 -6.98
N ASP A 207 -3.47 11.95 -7.85
CA ASP A 207 -2.49 13.02 -7.71
C ASP A 207 -1.69 12.90 -6.41
N ILE A 208 -0.97 11.78 -6.30
CA ILE A 208 -0.20 11.42 -5.10
C ILE A 208 1.28 11.70 -5.35
N LEU A 209 1.83 12.62 -4.58
CA LEU A 209 3.25 12.97 -4.65
C LEU A 209 4.06 11.96 -3.84
N SER A 210 5.12 11.44 -4.45
CA SER A 210 6.02 10.52 -3.75
C SER A 210 7.36 10.51 -4.47
N THR A 211 8.25 9.65 -3.98
CA THR A 211 9.58 9.47 -4.53
C THR A 211 9.53 8.89 -5.94
N TRP A 212 10.59 9.18 -6.70
CA TRP A 212 10.77 8.61 -8.03
C TRP A 212 12.25 8.32 -8.21
N ILE A 213 12.56 7.57 -9.26
CA ILE A 213 13.95 7.20 -9.54
C ILE A 213 14.75 8.42 -9.97
N GLY A 214 16.08 8.29 -9.90
CA GLY A 214 16.94 9.43 -10.08
C GLY A 214 16.92 10.41 -8.93
N GLY A 215 16.56 9.95 -7.72
CA GLY A 215 16.52 10.82 -6.56
C GLY A 215 15.49 11.93 -6.67
N SER A 216 14.38 11.69 -7.38
CA SER A 216 13.44 12.74 -7.71
C SER A 216 12.10 12.49 -7.03
N THR A 217 11.09 13.24 -7.43
CA THR A 217 9.72 13.08 -6.93
C THR A 217 8.78 13.37 -8.08
N ARG A 218 7.57 12.82 -7.99
CA ARG A 218 6.51 13.18 -8.93
C ARG A 218 5.17 12.75 -8.37
N SER A 219 4.12 13.31 -8.97
CA SER A 219 2.74 13.01 -8.59
C SER A 219 2.13 12.16 -9.70
N ILE A 220 1.60 10.98 -9.32
CA ILE A 220 0.90 10.09 -10.25
C ILE A 220 -0.36 9.56 -9.55
N SER A 221 -1.19 8.86 -10.31
CA SER A 221 -2.50 8.41 -9.85
C SER A 221 -2.70 6.93 -10.12
N GLY A 222 -3.46 6.29 -9.24
CA GLY A 222 -3.84 4.91 -9.44
C GLY A 222 -4.25 4.26 -8.15
N THR A 223 -4.94 3.12 -8.27
CA THR A 223 -5.12 2.29 -7.08
C THR A 223 -3.77 1.78 -6.57
N SER A 224 -2.74 1.78 -7.43
CA SER A 224 -1.37 1.51 -6.99
C SER A 224 -0.89 2.50 -5.95
N MET A 225 -1.41 3.73 -5.95
CA MET A 225 -0.99 4.75 -5.00
C MET A 225 -1.80 4.67 -3.73
N ALA A 226 -3.05 4.23 -3.82
CA ALA A 226 -3.89 4.08 -2.63
C ALA A 226 -3.41 2.92 -1.76
N THR A 227 -3.02 1.82 -2.41
CA THR A 227 -2.60 0.61 -1.70
C THR A 227 -1.49 0.86 -0.68
N PRO A 228 -0.39 1.54 -1.04
CA PRO A 228 0.67 1.77 -0.04
C PRO A 228 0.25 2.70 1.09
N HIS A 229 -0.76 3.56 0.91
CA HIS A 229 -1.27 4.29 2.06
C HIS A 229 -1.82 3.32 3.10
N VAL A 230 -2.57 2.33 2.64
CA VAL A 230 -3.15 1.34 3.54
C VAL A 230 -2.09 0.43 4.12
N ALA A 231 -1.11 0.01 3.31
CA ALA A 231 -0.02 -0.82 3.82
C ALA A 231 0.76 -0.08 4.90
N GLY A 232 1.12 1.18 4.64
CA GLY A 232 1.81 1.97 5.65
C GLY A 232 0.97 2.18 6.89
N LEU A 233 -0.34 2.41 6.71
CA LEU A 233 -1.21 2.57 7.86
C LEU A 233 -1.23 1.30 8.71
N ALA A 234 -1.31 0.14 8.06
CA ALA A 234 -1.28 -1.13 8.80
C ALA A 234 0.01 -1.25 9.61
N ALA A 235 1.16 -0.95 9.00
CA ALA A 235 2.43 -1.05 9.72
C ALA A 235 2.44 -0.12 10.92
N TYR A 236 1.95 1.11 10.72
CA TYR A 236 1.86 2.09 11.79
C TYR A 236 0.97 1.59 12.94
N LEU A 237 -0.20 1.04 12.61
CA LEU A 237 -1.13 0.57 13.64
C LEU A 237 -0.60 -0.67 14.35
N MET A 238 0.10 -1.54 13.64
CA MET A 238 0.73 -2.71 14.26
C MET A 238 1.83 -2.30 15.22
N THR A 239 2.65 -1.31 14.85
CA THR A 239 3.66 -0.81 15.79
C THR A 239 3.02 -0.25 17.04
N LEU A 240 1.88 0.42 16.90
CA LEU A 240 1.15 0.93 18.06
C LEU A 240 0.53 -0.17 18.91
N GLY A 241 0.50 -1.41 18.43
CA GLY A 241 -0.14 -2.48 19.16
C GLY A 241 -1.64 -2.52 19.05
N LYS A 242 -2.23 -1.73 18.13
CA LYS A 242 -3.68 -1.67 18.03
C LYS A 242 -4.29 -2.82 17.25
N THR A 243 -3.51 -3.51 16.45
CA THR A 243 -4.01 -4.60 15.62
C THR A 243 -2.83 -5.48 15.25
N THR A 244 -3.13 -6.54 14.50
CA THR A 244 -2.18 -7.55 14.08
C THR A 244 -2.30 -7.75 12.58
N ALA A 245 -1.37 -8.51 11.99
CA ALA A 245 -1.44 -8.75 10.56
C ALA A 245 -2.75 -9.41 10.15
N ALA A 246 -3.24 -10.35 10.97
CA ALA A 246 -4.44 -11.09 10.61
C ALA A 246 -5.68 -10.21 10.69
N SER A 247 -5.67 -9.19 11.54
CA SER A 247 -6.85 -8.41 11.85
C SER A 247 -6.81 -6.97 11.33
N ALA A 248 -5.70 -6.55 10.71
CA ALA A 248 -5.50 -5.14 10.41
C ALA A 248 -6.48 -4.62 9.37
N CYS A 249 -6.78 -5.40 8.33
CA CYS A 249 -7.73 -4.93 7.32
C CYS A 249 -9.08 -4.64 7.95
N ARG A 250 -9.56 -5.58 8.76
CA ARG A 250 -10.84 -5.40 9.44
C ARG A 250 -10.79 -4.22 10.41
N TYR A 251 -9.66 -4.07 11.13
CA TYR A 251 -9.51 -2.94 12.04
C TYR A 251 -9.54 -1.62 11.29
N ILE A 252 -8.85 -1.55 10.15
CA ILE A 252 -8.85 -0.34 9.35
C ILE A 252 -10.27 -0.03 8.87
N ALA A 253 -11.00 -1.06 8.44
CA ALA A 253 -12.40 -0.83 8.06
C ALA A 253 -13.24 -0.39 9.25
N ASP A 254 -13.05 -1.00 10.43
CA ASP A 254 -13.78 -0.62 11.65
C ASP A 254 -13.59 0.85 11.98
N THR A 255 -12.38 1.35 11.81
CA THR A 255 -12.00 2.66 12.30
C THR A 255 -11.96 3.70 11.18
N ALA A 256 -12.42 3.33 9.98
CA ALA A 256 -12.36 4.21 8.84
C ALA A 256 -13.32 5.40 9.00
N ASN A 257 -13.07 6.45 8.21
CA ASN A 257 -14.10 7.45 7.99
C ASN A 257 -15.18 6.84 7.11
N LYS A 258 -16.44 6.93 7.57
CA LYS A 258 -17.54 6.17 6.97
C LYS A 258 -18.52 7.11 6.28
N GLY A 259 -18.91 6.76 5.06
CA GLY A 259 -19.96 7.48 4.37
C GLY A 259 -19.56 8.83 3.83
N ASP A 260 -18.26 9.09 3.69
CA ASP A 260 -17.79 10.41 3.29
C ASP A 260 -17.40 10.52 1.83
N LEU A 261 -17.34 9.41 1.09
CA LEU A 261 -16.93 9.43 -0.30
C LEU A 261 -18.14 9.53 -1.23
N SER A 262 -17.97 10.25 -2.32
CA SER A 262 -19.00 10.34 -3.35
C SER A 262 -18.70 9.40 -4.50
N ASN A 263 -19.76 9.10 -5.25
CA ASN A 263 -19.73 8.20 -6.40
C ASN A 263 -19.26 6.79 -6.04
N ILE A 264 -19.65 6.31 -4.87
CA ILE A 264 -19.43 4.93 -4.48
C ILE A 264 -20.64 4.12 -4.95
N PRO A 265 -20.47 3.13 -5.82
CA PRO A 265 -21.63 2.38 -6.32
C PRO A 265 -22.32 1.65 -5.18
N PHE A 266 -23.63 1.51 -5.31
CA PHE A 266 -24.40 0.71 -4.38
C PHE A 266 -23.78 -0.67 -4.26
N GLY A 267 -23.51 -1.10 -3.04
CA GLY A 267 -22.90 -2.39 -2.78
C GLY A 267 -21.40 -2.39 -2.57
N THR A 268 -20.74 -1.23 -2.74
CA THR A 268 -19.33 -1.07 -2.45
C THR A 268 -19.20 -0.31 -1.13
N VAL A 269 -18.23 -0.71 -0.29
CA VAL A 269 -18.07 -0.03 1.00
C VAL A 269 -17.74 1.44 0.79
N ASN A 270 -18.26 2.27 1.69
CA ASN A 270 -17.94 3.70 1.69
C ASN A 270 -17.08 3.94 2.94
N LEU A 271 -15.79 3.59 2.84
CA LEU A 271 -14.88 3.58 3.96
C LEU A 271 -13.55 4.12 3.47
N LEU A 272 -13.03 5.12 4.17
CA LEU A 272 -11.79 5.80 3.82
C LEU A 272 -10.80 5.63 4.96
N ALA A 273 -9.62 5.10 4.65
CA ALA A 273 -8.60 4.80 5.65
C ALA A 273 -8.29 6.00 6.53
N TYR A 274 -8.20 5.77 7.83
CA TYR A 274 -8.06 6.83 8.82
C TYR A 274 -7.29 6.31 10.02
N ASN A 275 -6.28 7.06 10.47
CA ASN A 275 -5.42 6.59 11.55
C ASN A 275 -5.99 6.85 12.95
N ASN A 276 -7.07 7.62 13.07
CA ASN A 276 -7.67 7.93 14.37
C ASN A 276 -6.65 8.46 15.37
N TYR A 277 -5.65 9.19 14.90
CA TYR A 277 -4.67 9.72 15.82
C TYR A 277 -5.19 11.01 16.45
N GLN A 278 -5.13 11.10 17.77
CA GLN A 278 -5.43 12.33 18.53
C GLN A 278 -4.15 12.85 19.15
N ALA A 279 -3.71 14.03 18.74
CA ALA A 279 -2.65 14.72 19.49
C ALA A 279 -3.23 15.30 20.78
S SO4 B . -0.64 17.99 -2.95
O1 SO4 B . -1.05 17.53 -4.25
O2 SO4 B . -1.78 18.59 -2.26
O3 SO4 B . -0.16 16.86 -2.17
O4 SO4 B . 0.40 19.02 -3.10
N GGB C . -6.26 16.49 15.54
CA GGB C . -6.12 15.09 15.86
CB GGB C . -7.39 14.38 15.45
CG GGB C . -8.35 14.31 16.64
C GGB C . -4.92 14.56 15.07
OD GGB C . -8.42 12.99 17.09
NE GGB C . -9.72 12.64 17.48
CZ GGB C . -10.36 11.43 16.97
NH1 GGB C . -9.77 10.68 16.15
NH2 GGB C . -11.71 11.09 17.38
O GGB C . -5.09 13.98 13.96
OXT GGB C . -3.76 14.68 15.55
#